data_7VQC
#
_entry.id   7VQC
#
_cell.length_a   111.025
_cell.length_b   82.129
_cell.length_c   59.809
_cell.angle_alpha   90.000
_cell.angle_beta   102.970
_cell.angle_gamma   90.000
#
_symmetry.space_group_name_H-M   'C 1 2 1'
#
loop_
_entity.id
_entity.type
_entity.pdbx_description
1 polymer Di-trans-poly-cis-decaprenylcistransferase
2 non-polymer 'SULFATE ION'
3 non-polymer 'PYROPHOSPHATE 2-'
4 water water
#
_entity_poly.entity_id   1
_entity_poly.type   'polypeptide(L)'
_entity_poly.pdbx_seq_one_letter_code
;MGGYFLDTPKFKRLPGHIAIIPDGNRRWALDRGLEKHEGYKHGIVPGLELYDICVKIGIGEVTFFGFTQDNTKRPQIQRK
AFVDACIKSVKELSKHDAELLVVGNTNSDMFPKELLAYTKRTKFGKGKVRINFLVNYGWYWDLTYAFENSSDSKKMIENI
ASAEIPRIDLLIRWGGRRRLSGMLPVQTVYSDIYVVDEMWPDFKPEHLFNALEFYQDQDITLGG
;
_entity_poly.pdbx_strand_id   A,B
#
loop_
_chem_comp.id
_chem_comp.type
_chem_comp.name
_chem_comp.formula
POP non-polymer 'PYROPHOSPHATE 2-' 'H2 O7 P2 -2'
SO4 non-polymer 'SULFATE ION' 'O4 S -2'
#
# COMPACT_ATOMS: atom_id res chain seq x y z
N PRO A 9 -15.06 -13.86 21.13
CA PRO A 9 -14.06 -14.50 20.25
C PRO A 9 -12.63 -14.23 20.78
N LYS A 10 -11.90 -15.29 21.16
CA LYS A 10 -10.63 -15.17 21.94
C LYS A 10 -9.47 -14.94 20.97
N PHE A 11 -8.68 -13.91 21.27
CA PHE A 11 -7.50 -13.52 20.47
C PHE A 11 -6.26 -13.61 21.36
N LYS A 12 -5.19 -14.17 20.80
CA LYS A 12 -3.83 -14.17 21.37
C LYS A 12 -3.22 -12.80 21.11
N ARG A 13 -3.76 -12.06 20.13
CA ARG A 13 -3.17 -10.77 19.71
C ARG A 13 -4.17 -9.97 18.91
N LEU A 14 -4.07 -8.65 19.02
CA LEU A 14 -4.94 -7.71 18.27
C LEU A 14 -4.00 -6.70 17.62
N PRO A 15 -4.44 -6.02 16.53
CA PRO A 15 -3.73 -4.84 16.05
C PRO A 15 -3.87 -3.75 17.10
N GLY A 16 -2.82 -2.97 17.26
CA GLY A 16 -2.90 -1.71 18.03
C GLY A 16 -3.74 -0.67 17.30
N HIS A 17 -3.62 -0.60 15.98
CA HIS A 17 -4.17 0.47 15.12
C HIS A 17 -4.72 -0.18 13.85
N ILE A 18 -6.03 -0.08 13.66
CA ILE A 18 -6.79 -0.60 12.50
C ILE A 18 -7.09 0.58 11.55
N ALA A 19 -6.99 0.40 10.25
CA ALA A 19 -7.37 1.41 9.24
C ALA A 19 -8.54 0.87 8.42
N ILE A 20 -9.58 1.68 8.19
CA ILE A 20 -10.84 1.26 7.53
C ILE A 20 -11.00 2.11 6.29
N ILE A 21 -11.06 1.47 5.12
CA ILE A 21 -11.50 2.16 3.89
C ILE A 21 -12.90 1.65 3.60
N PRO A 22 -13.93 2.48 3.91
CA PRO A 22 -15.33 2.07 3.83
C PRO A 22 -15.91 2.32 2.44
N ASP A 23 -15.41 1.58 1.47
CA ASP A 23 -15.70 1.74 0.03
C ASP A 23 -16.88 0.85 -0.38
N GLY A 24 -17.52 1.21 -1.51
CA GLY A 24 -18.63 0.45 -2.11
C GLY A 24 -19.98 1.15 -1.97
N ASN A 25 -20.02 2.36 -1.40
CA ASN A 25 -21.31 3.00 -0.99
C ASN A 25 -22.16 3.23 -2.24
N ARG A 26 -21.55 3.58 -3.36
CA ARG A 26 -22.28 3.99 -4.58
C ARG A 26 -22.83 2.74 -5.26
N ARG A 27 -22.02 1.70 -5.41
CA ARG A 27 -22.35 0.46 -6.13
C ARG A 27 -23.49 -0.26 -5.41
N TRP A 28 -23.43 -0.20 -4.09
CA TRP A 28 -24.48 -0.72 -3.18
C TRP A 28 -25.78 0.07 -3.41
N ALA A 29 -25.71 1.39 -3.45
CA ALA A 29 -26.90 2.23 -3.73
C ALA A 29 -27.46 1.86 -5.12
N LEU A 30 -26.64 1.84 -6.18
CA LEU A 30 -27.09 1.57 -7.57
C LEU A 30 -27.78 0.22 -7.58
N ASP A 31 -27.16 -0.73 -6.89
CA ASP A 31 -27.64 -2.13 -6.75
C ASP A 31 -29.00 -2.18 -6.06
N ARG A 32 -29.34 -1.23 -5.19
CA ARG A 32 -30.69 -1.15 -4.57
C ARG A 32 -31.65 -0.35 -5.47
N GLY A 33 -31.15 0.27 -6.54
CA GLY A 33 -31.94 1.11 -7.47
C GLY A 33 -32.06 2.56 -7.00
N LEU A 34 -31.17 2.97 -6.10
CA LEU A 34 -31.02 4.35 -5.60
C LEU A 34 -30.10 5.14 -6.52
N GLU A 35 -30.07 6.46 -6.34
CA GLU A 35 -29.01 7.33 -6.90
C GLU A 35 -27.70 7.01 -6.15
N LYS A 36 -26.55 7.19 -6.82
CA LYS A 36 -25.19 6.90 -6.29
C LYS A 36 -25.00 7.58 -4.94
N HIS A 37 -25.30 8.86 -4.85
CA HIS A 37 -25.05 9.69 -3.64
C HIS A 37 -25.86 9.19 -2.42
N GLU A 38 -26.78 8.24 -2.58
CA GLU A 38 -27.66 7.81 -1.47
C GLU A 38 -27.02 6.67 -0.69
N GLY A 39 -25.94 6.09 -1.19
CA GLY A 39 -25.23 5.01 -0.48
C GLY A 39 -24.54 5.50 0.80
N TYR A 40 -23.98 6.69 0.78
CA TYR A 40 -23.05 7.14 1.83
C TYR A 40 -23.78 7.09 3.18
N LYS A 41 -25.07 7.45 3.22
CA LYS A 41 -25.79 7.52 4.52
C LYS A 41 -26.05 6.10 5.00
N HIS A 42 -25.97 5.09 4.13
CA HIS A 42 -26.10 3.68 4.56
C HIS A 42 -24.76 3.21 5.13
N GLY A 43 -23.78 4.11 5.15
CA GLY A 43 -22.43 3.83 5.65
C GLY A 43 -22.26 4.26 7.09
N ILE A 44 -23.19 5.05 7.63
CA ILE A 44 -23.00 5.64 9.00
C ILE A 44 -23.15 4.57 10.09
N VAL A 45 -24.23 3.79 10.03
CA VAL A 45 -24.57 2.82 11.10
C VAL A 45 -23.50 1.72 11.16
N PRO A 46 -23.04 1.18 10.02
CA PRO A 46 -21.91 0.24 10.01
C PRO A 46 -20.65 0.71 10.76
N GLY A 47 -20.31 1.98 10.62
CA GLY A 47 -19.18 2.61 11.33
C GLY A 47 -19.36 2.53 12.84
N LEU A 48 -20.56 2.83 13.33
CA LEU A 48 -20.90 2.89 14.77
C LEU A 48 -20.91 1.46 15.32
N GLU A 49 -21.12 0.51 14.42
CA GLU A 49 -21.12 -0.94 14.71
C GLU A 49 -19.68 -1.42 14.82
N LEU A 50 -18.87 -1.06 13.84
CA LEU A 50 -17.44 -1.40 13.87
C LEU A 50 -16.85 -0.86 15.16
N TYR A 51 -17.05 0.42 15.49
CA TYR A 51 -16.57 1.04 16.75
C TYR A 51 -17.02 0.20 17.97
N ASP A 52 -18.30 -0.13 18.12
CA ASP A 52 -18.82 -0.90 19.29
C ASP A 52 -18.04 -2.22 19.41
N ILE A 53 -17.79 -2.91 18.29
CA ILE A 53 -17.03 -4.19 18.33
C ILE A 53 -15.57 -3.90 18.74
N CYS A 54 -14.95 -2.85 18.22
CA CYS A 54 -13.56 -2.46 18.57
C CYS A 54 -13.48 -2.22 20.09
N VAL A 55 -14.44 -1.48 20.64
CA VAL A 55 -14.49 -1.15 22.08
C VAL A 55 -14.63 -2.45 22.88
N LYS A 56 -15.47 -3.38 22.44
CA LYS A 56 -15.80 -4.58 23.23
C LYS A 56 -14.66 -5.58 23.12
N ILE A 57 -13.91 -5.62 22.01
CA ILE A 57 -12.79 -6.61 21.86
C ILE A 57 -11.47 -6.03 22.39
N GLY A 58 -11.32 -4.71 22.52
CA GLY A 58 -10.09 -4.07 23.00
C GLY A 58 -9.20 -3.46 21.92
N ILE A 59 -9.71 -3.17 20.72
CA ILE A 59 -8.94 -2.37 19.70
C ILE A 59 -8.71 -0.93 20.20
N GLY A 60 -7.47 -0.45 20.18
CA GLY A 60 -7.06 0.81 20.83
C GLY A 60 -7.31 2.04 19.95
N GLU A 61 -7.19 1.88 18.64
CA GLU A 61 -7.17 3.04 17.70
C GLU A 61 -7.68 2.55 16.34
N VAL A 62 -8.57 3.33 15.73
CA VAL A 62 -9.15 3.04 14.40
C VAL A 62 -9.06 4.33 13.57
N THR A 63 -8.56 4.24 12.35
CA THR A 63 -8.59 5.41 11.46
C THR A 63 -9.55 5.15 10.29
N PHE A 64 -10.52 6.01 10.09
CA PHE A 64 -11.48 5.93 8.96
C PHE A 64 -11.01 6.85 7.83
N PHE A 65 -10.97 6.30 6.61
CA PHE A 65 -10.87 7.05 5.33
C PHE A 65 -12.24 7.65 4.99
N GLY A 66 -12.36 8.96 5.13
CA GLY A 66 -13.62 9.71 4.92
C GLY A 66 -13.71 10.16 3.48
N PHE A 67 -12.93 11.14 3.08
CA PHE A 67 -12.72 11.50 1.66
C PHE A 67 -11.44 12.32 1.48
N THR A 68 -11.00 12.43 0.25
CA THR A 68 -9.75 13.10 -0.17
C THR A 68 -10.06 14.37 -0.97
N GLN A 69 -9.03 15.18 -1.19
CA GLN A 69 -9.04 16.34 -2.11
C GLN A 69 -9.55 15.87 -3.48
N ASP A 70 -8.96 14.84 -4.08
CA ASP A 70 -9.41 14.22 -5.36
C ASP A 70 -10.93 13.98 -5.37
N ASN A 71 -11.46 13.34 -4.32
CA ASN A 71 -12.90 12.96 -4.21
C ASN A 71 -13.80 14.20 -4.37
N THR A 72 -13.33 15.42 -4.13
CA THR A 72 -14.22 16.63 -4.15
C THR A 72 -14.49 17.07 -5.60
N LYS A 73 -13.73 16.58 -6.58
CA LYS A 73 -13.88 16.99 -8.00
C LYS A 73 -15.13 16.35 -8.59
N ARG A 74 -15.66 15.32 -7.92
CA ARG A 74 -16.92 14.62 -8.27
C ARG A 74 -18.09 15.60 -8.18
N PRO A 75 -19.26 15.22 -8.75
CA PRO A 75 -20.39 16.14 -8.87
C PRO A 75 -20.83 16.68 -7.50
N GLN A 76 -21.33 17.90 -7.53
CA GLN A 76 -21.87 18.58 -6.35
C GLN A 76 -22.66 17.54 -5.58
N ILE A 77 -23.53 16.77 -6.23
CA ILE A 77 -24.58 16.03 -5.45
C ILE A 77 -23.92 14.90 -4.64
N GLN A 78 -22.84 14.30 -5.15
CA GLN A 78 -22.10 13.22 -4.43
C GLN A 78 -21.31 13.84 -3.26
N ARG A 79 -20.68 14.98 -3.50
CA ARG A 79 -19.79 15.64 -2.52
C ARG A 79 -20.62 15.98 -1.28
N LYS A 80 -21.73 16.71 -1.44
CA LYS A 80 -22.68 17.11 -0.36
C LYS A 80 -23.03 15.90 0.52
N ALA A 81 -23.36 14.78 -0.14
CA ALA A 81 -23.81 13.52 0.46
C ALA A 81 -22.70 12.86 1.29
N PHE A 82 -21.47 12.75 0.77
CA PHE A 82 -20.40 12.04 1.51
C PHE A 82 -19.85 12.98 2.60
N VAL A 83 -19.91 14.29 2.37
CA VAL A 83 -19.59 15.26 3.44
C VAL A 83 -20.65 15.16 4.56
N ASP A 84 -21.95 15.22 4.23
CA ASP A 84 -23.00 15.09 5.27
C ASP A 84 -22.74 13.80 6.06
N ALA A 85 -22.50 12.69 5.37
CA ALA A 85 -22.39 11.36 6.01
C ALA A 85 -21.20 11.36 6.98
N CYS A 86 -20.08 12.00 6.59
CA CYS A 86 -18.87 12.13 7.45
C CYS A 86 -19.19 12.97 8.68
N ILE A 87 -19.86 14.12 8.50
CA ILE A 87 -20.29 15.05 9.60
C ILE A 87 -21.17 14.28 10.59
N LYS A 88 -22.19 13.61 10.07
CA LYS A 88 -23.13 12.81 10.88
C LYS A 88 -22.33 11.71 11.58
N SER A 89 -21.41 11.02 10.90
CA SER A 89 -20.59 9.95 11.52
C SER A 89 -19.87 10.52 12.74
N VAL A 90 -19.13 11.62 12.57
CA VAL A 90 -18.30 12.19 13.66
C VAL A 90 -19.25 12.62 14.80
N LYS A 91 -20.33 13.32 14.52
CA LYS A 91 -21.30 13.75 15.56
C LYS A 91 -21.79 12.52 16.31
N GLU A 92 -22.14 11.45 15.61
CA GLU A 92 -22.70 10.24 16.26
C GLU A 92 -21.65 9.63 17.19
N LEU A 93 -20.40 9.50 16.72
CA LEU A 93 -19.26 8.94 17.48
C LEU A 93 -18.96 9.82 18.69
N SER A 94 -19.28 11.10 18.62
CA SER A 94 -19.01 12.05 19.75
C SER A 94 -19.86 11.62 20.94
N LYS A 95 -21.02 10.99 20.71
CA LYS A 95 -21.94 10.50 21.79
C LYS A 95 -21.40 9.23 22.47
N HIS A 96 -20.35 8.60 21.93
CA HIS A 96 -19.76 7.35 22.46
C HIS A 96 -18.51 7.68 23.28
N ASP A 97 -17.82 6.65 23.74
CA ASP A 97 -16.57 6.77 24.54
C ASP A 97 -15.40 6.74 23.56
N ALA A 98 -15.16 7.82 22.83
CA ALA A 98 -14.18 7.88 21.71
C ALA A 98 -13.32 9.13 21.84
N GLU A 99 -12.00 9.04 21.64
CA GLU A 99 -11.11 10.22 21.46
C GLU A 99 -10.98 10.44 19.94
N LEU A 100 -11.62 11.51 19.44
CA LEU A 100 -11.83 11.81 18.01
C LEU A 100 -10.76 12.79 17.53
N LEU A 101 -10.14 12.48 16.40
CA LEU A 101 -9.30 13.44 15.65
C LEU A 101 -9.71 13.39 14.16
N VAL A 102 -10.11 14.54 13.62
CA VAL A 102 -10.28 14.71 12.14
C VAL A 102 -8.96 15.25 11.56
N VAL A 103 -8.43 14.63 10.51
CA VAL A 103 -7.20 15.13 9.84
C VAL A 103 -7.55 15.38 8.38
N GLY A 104 -7.09 16.49 7.84
CA GLY A 104 -7.28 16.86 6.42
C GLY A 104 -7.00 18.34 6.23
N ASN A 105 -7.18 18.82 5.01
CA ASN A 105 -6.75 20.16 4.57
C ASN A 105 -7.87 21.13 4.94
N THR A 106 -7.64 21.93 5.99
CA THR A 106 -8.62 22.94 6.48
C THR A 106 -8.47 24.28 5.73
N ASN A 107 -7.36 24.53 5.01
CA ASN A 107 -7.22 25.74 4.13
C ASN A 107 -7.83 25.42 2.77
N SER A 108 -9.15 25.21 2.73
CA SER A 108 -9.92 24.71 1.57
C SER A 108 -11.41 25.01 1.81
N ASP A 109 -12.07 25.55 0.79
CA ASP A 109 -13.54 25.70 0.73
C ASP A 109 -14.21 24.33 0.88
N MET A 110 -13.48 23.23 0.64
CA MET A 110 -13.98 21.83 0.66
C MET A 110 -13.91 21.18 2.05
N PHE A 111 -13.23 21.78 3.03
CA PHE A 111 -13.26 21.20 4.40
C PHE A 111 -14.56 21.69 5.05
N PRO A 112 -15.46 20.80 5.46
CA PRO A 112 -16.67 21.21 6.20
C PRO A 112 -16.42 21.88 7.57
N LYS A 113 -16.92 23.10 7.73
CA LYS A 113 -16.80 23.92 8.97
C LYS A 113 -17.18 23.10 10.20
N GLU A 114 -18.20 22.25 10.09
CA GLU A 114 -18.76 21.50 11.24
C GLU A 114 -17.73 20.51 11.80
N LEU A 115 -16.65 20.18 11.07
CA LEU A 115 -15.62 19.21 11.59
C LEU A 115 -14.35 19.90 12.08
N LEU A 116 -14.25 21.23 11.96
CA LEU A 116 -13.06 22.00 12.41
C LEU A 116 -12.81 21.74 13.90
N ALA A 117 -13.89 21.70 14.65
CA ALA A 117 -13.84 21.58 16.12
C ALA A 117 -13.08 20.32 16.50
N TYR A 118 -13.01 19.32 15.61
CA TYR A 118 -12.47 17.97 15.89
C TYR A 118 -11.03 17.80 15.38
N THR A 119 -10.43 18.87 14.88
CA THR A 119 -9.03 18.86 14.38
C THR A 119 -8.02 18.91 15.53
N LYS A 120 -8.47 19.08 16.77
CA LYS A 120 -7.68 18.81 17.99
C LYS A 120 -8.25 17.54 18.59
N ARG A 121 -7.41 16.62 19.06
CA ARG A 121 -7.94 15.32 19.57
C ARG A 121 -8.75 15.63 20.82
N THR A 122 -9.97 15.13 20.85
CA THR A 122 -11.02 15.49 21.82
C THR A 122 -11.57 14.17 22.39
N LYS A 123 -11.46 14.00 23.70
CA LYS A 123 -11.95 12.84 24.49
C LYS A 123 -13.44 13.03 24.78
N PHE A 124 -14.34 12.14 24.32
CA PHE A 124 -15.77 12.14 24.73
C PHE A 124 -16.01 10.96 25.65
N GLY A 125 -17.02 11.08 26.53
CA GLY A 125 -17.23 10.12 27.62
C GLY A 125 -15.90 9.69 28.23
N LYS A 126 -15.60 8.39 28.15
CA LYS A 126 -14.47 7.74 28.85
C LYS A 126 -13.29 7.56 27.88
N GLY A 127 -13.42 7.98 26.62
CA GLY A 127 -12.34 7.92 25.62
C GLY A 127 -11.73 6.53 25.52
N LYS A 128 -12.57 5.50 25.35
CA LYS A 128 -12.12 4.07 25.36
C LYS A 128 -11.36 3.71 24.07
N VAL A 129 -11.45 4.51 23.01
CA VAL A 129 -10.76 4.17 21.75
C VAL A 129 -10.47 5.47 21.01
N ARG A 130 -9.28 5.58 20.39
CA ARG A 130 -8.90 6.69 19.49
C ARG A 130 -9.49 6.39 18.10
N ILE A 131 -10.32 7.29 17.60
CA ILE A 131 -10.83 7.27 16.20
C ILE A 131 -10.19 8.45 15.50
N ASN A 132 -9.54 8.21 14.37
CA ASN A 132 -9.13 9.28 13.42
C ASN A 132 -10.06 9.19 12.22
N PHE A 133 -10.48 10.30 11.64
CA PHE A 133 -11.25 10.35 10.37
C PHE A 133 -10.40 11.22 9.43
N LEU A 134 -10.25 10.79 8.18
CA LEU A 134 -9.57 11.60 7.15
C LEU A 134 -10.65 12.29 6.33
N VAL A 135 -10.62 13.62 6.39
CA VAL A 135 -11.66 14.52 5.83
C VAL A 135 -10.93 15.60 5.02
N ASN A 136 -11.11 15.58 3.69
CA ASN A 136 -10.40 16.46 2.74
C ASN A 136 -8.90 16.19 2.89
N TYR A 137 -8.56 14.90 2.95
CA TYR A 137 -7.17 14.41 3.09
C TYR A 137 -6.56 14.30 1.69
N GLY A 138 -5.28 14.61 1.56
CA GLY A 138 -4.47 14.28 0.36
C GLY A 138 -3.09 13.84 0.77
N TRP A 139 -2.60 12.74 0.19
CA TRP A 139 -1.25 12.18 0.51
C TRP A 139 -0.16 13.20 0.15
N TYR A 140 -0.35 13.94 -0.93
CA TYR A 140 0.64 14.95 -1.40
C TYR A 140 0.65 16.10 -0.37
N TRP A 141 -0.52 16.64 -0.04
CA TRP A 141 -0.73 17.62 1.07
C TRP A 141 -0.08 17.12 2.36
N ASP A 142 -0.18 15.83 2.68
CA ASP A 142 0.35 15.32 3.97
C ASP A 142 1.88 15.37 3.97
N LEU A 143 2.51 14.83 2.93
CA LEU A 143 3.99 14.74 2.87
C LEU A 143 4.64 16.12 2.73
N THR A 144 4.02 17.03 1.98
CA THR A 144 4.59 18.38 1.72
C THR A 144 4.43 19.30 2.94
N TYR A 145 3.53 18.96 3.87
CA TYR A 145 3.26 19.80 5.07
C TYR A 145 4.54 19.94 5.88
N ALA A 146 5.35 18.89 5.88
CA ALA A 146 6.65 18.90 6.57
C ALA A 146 7.49 20.08 6.05
N PHE A 147 7.06 20.71 4.96
CA PHE A 147 7.75 21.87 4.34
C PHE A 147 9.24 21.56 4.21
N LYS A 154 15.23 14.99 6.95
CA LYS A 154 15.60 15.98 7.98
C LYS A 154 14.84 15.70 9.27
N LYS A 155 14.02 14.65 9.31
CA LYS A 155 13.12 14.36 10.48
C LYS A 155 11.81 15.12 10.26
N MET A 156 11.64 15.69 9.07
CA MET A 156 10.39 16.40 8.70
C MET A 156 9.26 15.38 8.44
N ILE A 157 9.58 14.08 8.32
CA ILE A 157 8.49 13.08 8.16
C ILE A 157 7.74 13.01 9.49
N GLU A 158 8.37 13.48 10.56
CA GLU A 158 7.73 13.50 11.90
C GLU A 158 6.84 14.73 12.02
N ASN A 159 6.75 15.54 10.96
CA ASN A 159 5.98 16.79 10.99
C ASN A 159 5.02 16.81 9.79
N ILE A 160 4.69 15.65 9.24
CA ILE A 160 3.69 15.56 8.16
C ILE A 160 2.31 15.92 8.73
N ALA A 161 1.32 16.16 7.88
CA ALA A 161 0.00 16.57 8.42
C ALA A 161 -0.61 15.48 9.32
N SER A 162 -0.42 14.19 9.00
CA SER A 162 -1.02 13.04 9.73
C SER A 162 -0.15 12.56 10.90
N ALA A 163 0.81 13.36 11.36
CA ALA A 163 1.79 13.01 12.40
C ALA A 163 1.11 12.42 13.66
N GLU A 164 -0.06 12.95 14.07
CA GLU A 164 -0.82 12.50 15.28
C GLU A 164 -1.48 11.11 15.09
N ILE A 165 -1.49 10.59 13.86
CA ILE A 165 -2.00 9.25 13.46
C ILE A 165 -0.78 8.34 13.35
N PRO A 166 -0.64 7.35 14.26
CA PRO A 166 0.52 6.47 14.25
C PRO A 166 0.43 5.37 13.19
N ARG A 167 1.48 4.55 13.14
CA ARG A 167 1.64 3.39 12.24
C ARG A 167 0.37 2.53 12.27
N ILE A 168 -0.04 2.04 11.11
CA ILE A 168 -1.22 1.17 10.93
C ILE A 168 -0.75 -0.29 10.89
N ASP A 169 -1.29 -1.12 11.77
CA ASP A 169 -1.01 -2.57 11.83
C ASP A 169 -1.81 -3.31 10.77
N LEU A 170 -3.09 -2.98 10.65
CA LEU A 170 -4.08 -3.68 9.79
C LEU A 170 -4.96 -2.64 9.08
N LEU A 171 -4.97 -2.69 7.76
CA LEU A 171 -5.90 -1.93 6.89
C LEU A 171 -6.91 -2.93 6.30
N ILE A 172 -8.18 -2.61 6.49
CA ILE A 172 -9.34 -3.41 6.05
C ILE A 172 -10.11 -2.52 5.07
N ARG A 173 -10.25 -2.99 3.84
CA ARG A 173 -10.97 -2.27 2.78
C ARG A 173 -12.17 -3.12 2.37
N TRP A 174 -13.34 -2.47 2.34
CA TRP A 174 -14.62 -3.01 1.83
C TRP A 174 -14.79 -2.67 0.34
N GLY A 175 -15.57 -3.47 -0.38
CA GLY A 175 -15.93 -3.20 -1.79
C GLY A 175 -14.98 -3.83 -2.78
N GLY A 176 -14.12 -4.76 -2.36
CA GLY A 176 -13.34 -5.61 -3.28
C GLY A 176 -12.08 -5.05 -3.92
N ARG A 177 -11.81 -3.78 -3.75
CA ARG A 177 -10.63 -3.19 -4.43
C ARG A 177 -9.42 -3.34 -3.51
N ARG A 178 -8.30 -3.77 -4.09
CA ARG A 178 -7.04 -3.90 -3.31
C ARG A 178 -6.15 -2.70 -3.63
N ARG A 179 -6.39 -1.59 -2.94
CA ARG A 179 -5.59 -0.35 -3.12
C ARG A 179 -5.69 0.51 -1.87
N LEU A 180 -4.91 1.58 -1.78
CA LEU A 180 -4.89 2.44 -0.58
C LEU A 180 -5.63 3.72 -0.90
N SER A 181 -5.79 4.00 -2.18
CA SER A 181 -6.47 5.23 -2.64
C SER A 181 -5.78 6.44 -2.02
N GLY A 182 -4.47 6.33 -1.80
CA GLY A 182 -3.69 7.45 -1.24
C GLY A 182 -3.84 7.59 0.25
N MET A 183 -4.22 6.50 0.93
CA MET A 183 -4.37 6.56 2.40
C MET A 183 -3.02 6.47 3.11
N LEU A 184 -2.61 7.57 3.74
CA LEU A 184 -1.53 7.60 4.75
C LEU A 184 -0.33 6.78 4.27
N PRO A 185 0.38 7.22 3.21
CA PRO A 185 1.47 6.43 2.67
C PRO A 185 2.53 6.07 3.73
N VAL A 186 2.83 6.98 4.67
CA VAL A 186 3.86 6.72 5.71
C VAL A 186 3.36 5.60 6.65
N GLN A 187 2.15 5.73 7.16
CA GLN A 187 1.62 4.87 8.25
C GLN A 187 1.27 3.48 7.71
N THR A 188 1.19 3.30 6.40
CA THR A 188 0.70 2.05 5.75
C THR A 188 1.88 1.28 5.13
N VAL A 189 3.10 1.80 5.26
CA VAL A 189 4.29 1.22 4.58
C VAL A 189 4.36 -0.30 4.83
N TYR A 190 4.06 -0.78 6.05
CA TYR A 190 4.16 -2.24 6.36
C TYR A 190 2.84 -2.78 6.91
N SER A 191 1.73 -2.07 6.78
CA SER A 191 0.40 -2.58 7.23
C SER A 191 0.08 -3.91 6.53
N ASP A 192 -0.46 -4.87 7.27
CA ASP A 192 -1.26 -5.98 6.69
C ASP A 192 -2.54 -5.40 6.07
N ILE A 193 -2.99 -6.01 4.96
CA ILE A 193 -4.14 -5.58 4.13
C ILE A 193 -5.12 -6.75 4.00
N TYR A 194 -6.37 -6.52 4.38
CA TYR A 194 -7.48 -7.48 4.23
C TYR A 194 -8.58 -6.86 3.36
N VAL A 195 -8.95 -7.54 2.27
CA VAL A 195 -10.07 -7.03 1.41
C VAL A 195 -11.34 -7.86 1.65
N VAL A 196 -12.41 -7.14 1.88
CA VAL A 196 -13.79 -7.66 1.99
C VAL A 196 -14.50 -7.26 0.69
N ASP A 197 -15.09 -8.24 0.01
CA ASP A 197 -15.69 -8.03 -1.35
C ASP A 197 -16.98 -7.24 -1.16
N GLU A 198 -17.75 -7.55 -0.12
CA GLU A 198 -19.07 -6.90 0.15
C GLU A 198 -18.84 -5.39 0.30
N MET A 199 -19.77 -4.60 -0.20
CA MET A 199 -19.75 -3.13 -0.08
C MET A 199 -19.93 -2.73 1.39
N TRP A 200 -19.36 -1.59 1.78
CA TRP A 200 -19.26 -1.13 3.19
C TRP A 200 -20.63 -1.19 3.86
N PRO A 201 -21.73 -0.66 3.29
CA PRO A 201 -23.05 -0.75 3.91
C PRO A 201 -23.55 -2.17 4.21
N ASP A 202 -22.99 -3.19 3.58
CA ASP A 202 -23.25 -4.61 3.90
C ASP A 202 -22.26 -5.10 4.98
N PHE A 203 -21.67 -4.20 5.78
CA PHE A 203 -20.77 -4.53 6.90
C PHE A 203 -21.42 -5.59 7.82
N LYS A 204 -20.66 -6.64 8.18
CA LYS A 204 -21.00 -7.64 9.24
C LYS A 204 -19.83 -7.80 10.19
N PRO A 205 -20.10 -8.03 11.50
CA PRO A 205 -19.04 -8.39 12.46
C PRO A 205 -18.06 -9.46 11.97
N GLU A 206 -18.51 -10.40 11.13
CA GLU A 206 -17.66 -11.49 10.61
C GLU A 206 -16.54 -10.90 9.71
N HIS A 207 -16.79 -9.79 9.02
CA HIS A 207 -15.74 -9.13 8.20
C HIS A 207 -14.58 -8.65 9.07
N LEU A 208 -14.88 -8.01 10.20
CA LEU A 208 -13.85 -7.56 11.17
C LEU A 208 -13.17 -8.79 11.76
N PHE A 209 -13.93 -9.79 12.22
CA PHE A 209 -13.36 -10.97 12.95
C PHE A 209 -12.42 -11.72 12.01
N ASN A 210 -12.80 -11.88 10.76
CA ASN A 210 -11.99 -12.58 9.71
C ASN A 210 -10.67 -11.83 9.48
N ALA A 211 -10.71 -10.49 9.51
CA ALA A 211 -9.52 -9.61 9.34
C ALA A 211 -8.52 -9.82 10.51
N LEU A 212 -9.04 -9.82 11.73
CA LEU A 212 -8.26 -9.96 12.98
C LEU A 212 -7.70 -11.37 13.05
N GLU A 213 -8.48 -12.40 12.68
CA GLU A 213 -7.97 -13.80 12.62
C GLU A 213 -6.81 -13.88 11.64
N PHE A 214 -6.95 -13.25 10.47
CA PHE A 214 -5.88 -13.15 9.45
C PHE A 214 -4.66 -12.45 10.06
N TYR A 215 -4.88 -11.31 10.71
CA TYR A 215 -3.81 -10.50 11.37
C TYR A 215 -3.06 -11.34 12.41
N GLN A 216 -3.79 -12.01 13.28
CA GLN A 216 -3.19 -12.84 14.34
C GLN A 216 -2.52 -14.10 13.74
N ASP A 217 -3.11 -14.74 12.73
CA ASP A 217 -2.69 -16.10 12.27
C ASP A 217 -1.57 -15.94 11.23
N GLN A 218 -0.70 -14.95 11.41
CA GLN A 218 0.22 -14.36 10.40
C GLN A 218 1.67 -14.58 10.83
N PRO B 9 -2.34 -15.23 -24.82
CA PRO B 9 -3.14 -14.65 -23.70
C PRO B 9 -3.44 -13.16 -23.96
N LYS B 10 -4.69 -12.83 -24.28
CA LYS B 10 -5.11 -11.53 -24.89
C LYS B 10 -5.86 -10.70 -23.84
N PHE B 11 -5.55 -9.42 -23.70
CA PHE B 11 -5.98 -8.56 -22.56
C PHE B 11 -6.64 -7.26 -23.05
N LYS B 12 -7.88 -7.03 -22.62
CA LYS B 12 -8.62 -5.77 -22.80
C LYS B 12 -7.67 -4.60 -22.48
N ARG B 13 -7.16 -4.54 -21.26
CA ARG B 13 -6.29 -3.40 -20.82
C ARG B 13 -5.03 -3.94 -20.13
N LEU B 14 -3.88 -3.29 -20.34
CA LEU B 14 -2.62 -3.67 -19.68
C LEU B 14 -2.11 -2.53 -18.82
N PRO B 15 -1.40 -2.85 -17.71
CA PRO B 15 -0.73 -1.84 -16.90
C PRO B 15 0.50 -1.30 -17.62
N GLY B 16 0.84 -0.04 -17.42
CA GLY B 16 2.03 0.56 -18.03
C GLY B 16 3.28 0.21 -17.25
N HIS B 17 3.12 0.12 -15.93
CA HIS B 17 4.23 -0.13 -14.98
C HIS B 17 3.81 -1.16 -13.93
N ILE B 18 4.52 -2.28 -13.88
CA ILE B 18 4.28 -3.37 -12.91
C ILE B 18 5.40 -3.34 -11.87
N ALA B 19 5.04 -3.36 -10.58
CA ALA B 19 5.96 -3.55 -9.44
C ALA B 19 5.88 -5.02 -9.02
N ILE B 20 7.02 -5.66 -8.82
CA ILE B 20 7.22 -7.08 -8.43
C ILE B 20 7.92 -7.10 -7.07
N ILE B 21 7.32 -7.76 -6.08
CA ILE B 21 7.99 -8.14 -4.81
C ILE B 21 8.23 -9.64 -4.87
N PRO B 22 9.48 -10.10 -5.13
CA PRO B 22 9.77 -11.50 -5.40
C PRO B 22 10.10 -12.21 -4.08
N ASP B 23 9.11 -12.35 -3.21
CA ASP B 23 9.26 -12.97 -1.86
C ASP B 23 9.01 -14.48 -1.90
N GLY B 24 9.51 -15.18 -0.88
CA GLY B 24 9.24 -16.62 -0.65
C GLY B 24 10.44 -17.51 -0.96
N ASN B 25 11.60 -16.94 -1.22
CA ASN B 25 12.80 -17.72 -1.65
C ASN B 25 13.29 -18.62 -0.52
N ARG B 26 13.24 -18.13 0.73
CA ARG B 26 13.77 -18.85 1.92
C ARG B 26 12.83 -20.02 2.24
N ARG B 27 11.52 -19.75 2.40
CA ARG B 27 10.50 -20.79 2.61
C ARG B 27 10.59 -21.82 1.49
N TRP B 28 10.69 -21.38 0.23
CA TRP B 28 10.82 -22.29 -0.93
C TRP B 28 11.97 -23.28 -0.68
N ALA B 29 13.05 -22.78 -0.08
CA ALA B 29 14.30 -23.54 0.12
C ALA B 29 14.12 -24.52 1.29
N LEU B 30 13.69 -24.04 2.47
CA LEU B 30 13.43 -24.90 3.68
C LEU B 30 12.44 -25.98 3.28
N ASP B 31 11.42 -25.59 2.54
CA ASP B 31 10.28 -26.43 2.09
C ASP B 31 10.80 -27.59 1.24
N ARG B 32 11.89 -27.34 0.49
CA ARG B 32 12.66 -28.35 -0.27
C ARG B 32 13.76 -28.98 0.60
N GLY B 33 13.84 -28.68 1.90
CA GLY B 33 14.95 -29.11 2.79
C GLY B 33 16.31 -28.50 2.45
N LEU B 34 16.40 -27.34 1.77
CA LEU B 34 17.66 -26.60 1.52
C LEU B 34 17.88 -25.60 2.66
N GLU B 35 19.08 -25.03 2.76
CA GLU B 35 19.36 -23.88 3.66
C GLU B 35 18.54 -22.68 3.16
N LYS B 36 18.09 -21.84 4.08
CA LYS B 36 17.31 -20.61 3.79
C LYS B 36 17.92 -19.90 2.57
N HIS B 37 19.23 -19.63 2.63
CA HIS B 37 19.95 -18.75 1.67
C HIS B 37 19.96 -19.36 0.26
N GLU B 38 19.79 -20.68 0.14
CA GLU B 38 19.96 -21.42 -1.15
C GLU B 38 18.82 -21.12 -2.11
N GLY B 39 17.74 -20.50 -1.63
CA GLY B 39 16.56 -20.19 -2.46
C GLY B 39 16.80 -19.07 -3.44
N TYR B 40 17.58 -18.04 -3.05
CA TYR B 40 17.74 -16.80 -3.87
C TYR B 40 18.26 -17.15 -5.27
N LYS B 41 19.20 -18.11 -5.46
CA LYS B 41 19.79 -18.37 -6.79
C LYS B 41 18.71 -18.92 -7.74
N HIS B 42 17.62 -19.49 -7.21
CA HIS B 42 16.49 -20.01 -8.03
C HIS B 42 15.52 -18.89 -8.40
N GLY B 43 15.70 -17.67 -7.86
CA GLY B 43 14.90 -16.46 -8.19
C GLY B 43 15.29 -15.80 -9.50
N ILE B 44 16.44 -16.14 -10.09
CA ILE B 44 16.97 -15.39 -11.26
C ILE B 44 16.15 -15.72 -12.52
N VAL B 45 15.88 -17.01 -12.80
CA VAL B 45 15.20 -17.47 -14.04
C VAL B 45 13.73 -17.02 -14.02
N PRO B 46 13.02 -17.15 -12.90
CA PRO B 46 11.72 -16.49 -12.76
C PRO B 46 11.70 -15.04 -13.26
N GLY B 47 12.69 -14.23 -12.85
CA GLY B 47 12.82 -12.81 -13.21
C GLY B 47 13.04 -12.59 -14.69
N LEU B 48 13.92 -13.38 -15.32
CA LEU B 48 14.14 -13.32 -16.79
C LEU B 48 12.86 -13.73 -17.53
N GLU B 49 12.16 -14.79 -17.07
CA GLU B 49 10.89 -15.27 -17.72
C GLU B 49 9.80 -14.20 -17.64
N LEU B 50 9.61 -13.61 -16.46
CA LEU B 50 8.68 -12.47 -16.28
C LEU B 50 9.06 -11.35 -17.25
N TYR B 51 10.36 -11.08 -17.37
CA TYR B 51 10.90 -10.05 -18.31
C TYR B 51 10.53 -10.45 -19.75
N ASP B 52 10.75 -11.70 -20.15
CA ASP B 52 10.40 -12.17 -21.51
C ASP B 52 8.93 -11.90 -21.76
N ILE B 53 8.07 -12.45 -20.90
CA ILE B 53 6.60 -12.31 -21.03
C ILE B 53 6.26 -10.82 -21.21
N CYS B 54 6.83 -9.91 -20.39
CA CYS B 54 6.49 -8.45 -20.36
C CYS B 54 6.85 -7.77 -21.71
N VAL B 55 7.94 -8.24 -22.32
CA VAL B 55 8.45 -7.77 -23.64
C VAL B 55 7.44 -8.19 -24.72
N LYS B 56 6.99 -9.44 -24.68
CA LYS B 56 6.10 -10.05 -25.72
C LYS B 56 4.72 -9.41 -25.66
N ILE B 57 4.13 -9.21 -24.48
CA ILE B 57 2.77 -8.60 -24.34
C ILE B 57 2.89 -7.06 -24.28
N GLY B 58 4.08 -6.47 -24.19
CA GLY B 58 4.27 -4.99 -24.26
C GLY B 58 4.05 -4.25 -22.93
N ILE B 59 4.38 -4.83 -21.77
CA ILE B 59 4.51 -4.04 -20.51
C ILE B 59 5.68 -3.05 -20.67
N GLY B 60 5.44 -1.76 -20.56
CA GLY B 60 6.47 -0.72 -20.77
C GLY B 60 7.55 -0.73 -19.69
N GLU B 61 7.20 -1.06 -18.45
CA GLU B 61 8.07 -0.79 -17.28
C GLU B 61 7.76 -1.75 -16.15
N VAL B 62 8.81 -2.27 -15.53
CA VAL B 62 8.78 -3.30 -14.45
C VAL B 62 9.76 -2.85 -13.38
N THR B 63 9.32 -2.69 -12.13
CA THR B 63 10.22 -2.45 -10.98
C THR B 63 10.27 -3.70 -10.09
N PHE B 64 11.48 -4.20 -9.80
CA PHE B 64 11.72 -5.31 -8.83
C PHE B 64 12.12 -4.74 -7.46
N PHE B 65 11.56 -5.30 -6.39
CA PHE B 65 12.01 -5.01 -5.01
C PHE B 65 13.19 -5.94 -4.71
N GLY B 66 14.40 -5.39 -4.69
CA GLY B 66 15.65 -6.15 -4.50
C GLY B 66 15.81 -6.55 -3.05
N PHE B 67 16.07 -5.58 -2.16
CA PHE B 67 16.42 -5.77 -0.73
C PHE B 67 16.49 -4.40 -0.09
N THR B 68 16.03 -4.29 1.15
CA THR B 68 15.96 -3.02 1.89
C THR B 68 17.23 -2.83 2.73
N GLN B 69 17.39 -1.62 3.28
CA GLN B 69 18.43 -1.34 4.30
C GLN B 69 18.29 -2.32 5.49
N ASP B 70 17.08 -2.58 6.00
CA ASP B 70 16.87 -3.55 7.12
C ASP B 70 17.31 -4.98 6.74
N ASN B 71 17.09 -5.42 5.50
CA ASN B 71 17.43 -6.81 5.08
C ASN B 71 18.92 -7.08 5.24
N THR B 72 19.79 -6.05 5.22
CA THR B 72 21.26 -6.24 5.30
C THR B 72 21.60 -6.78 6.70
N LYS B 73 20.77 -6.51 7.70
CA LYS B 73 20.99 -6.93 9.13
C LYS B 73 20.64 -8.43 9.31
N ARG B 74 20.33 -9.14 8.22
CA ARG B 74 20.06 -10.60 8.24
C ARG B 74 21.39 -11.32 8.35
N PRO B 75 21.40 -12.63 8.68
CA PRO B 75 22.62 -13.42 8.66
C PRO B 75 23.42 -13.19 7.37
N GLN B 76 24.76 -13.15 7.46
CA GLN B 76 25.71 -12.86 6.36
C GLN B 76 25.43 -13.75 5.13
N ILE B 77 25.27 -15.04 5.35
CA ILE B 77 25.20 -16.05 4.24
C ILE B 77 23.90 -15.80 3.45
N GLN B 78 22.81 -15.38 4.13
CA GLN B 78 21.55 -14.93 3.47
C GLN B 78 21.83 -13.65 2.67
N ARG B 79 22.36 -12.61 3.33
CA ARG B 79 22.60 -11.28 2.71
C ARG B 79 23.40 -11.49 1.43
N LYS B 80 24.44 -12.32 1.47
CA LYS B 80 25.35 -12.50 0.33
C LYS B 80 24.58 -13.18 -0.80
N ALA B 81 23.76 -14.18 -0.49
CA ALA B 81 22.97 -14.93 -1.49
C ALA B 81 21.99 -13.98 -2.19
N PHE B 82 21.32 -13.10 -1.45
CA PHE B 82 20.27 -12.23 -2.03
C PHE B 82 20.92 -11.06 -2.75
N VAL B 83 22.02 -10.53 -2.21
CA VAL B 83 22.86 -9.52 -2.92
C VAL B 83 23.31 -10.11 -4.27
N ASP B 84 23.88 -11.31 -4.26
CA ASP B 84 24.51 -11.95 -5.45
C ASP B 84 23.41 -12.20 -6.48
N ALA B 85 22.22 -12.58 -6.03
CA ALA B 85 21.05 -12.76 -6.91
C ALA B 85 20.70 -11.45 -7.64
N CYS B 86 20.66 -10.31 -6.96
CA CYS B 86 20.30 -9.00 -7.56
C CYS B 86 21.35 -8.61 -8.60
N ILE B 87 22.64 -8.76 -8.29
CA ILE B 87 23.76 -8.48 -9.26
C ILE B 87 23.56 -9.38 -10.49
N LYS B 88 23.49 -10.71 -10.34
CA LYS B 88 23.33 -11.66 -11.48
C LYS B 88 22.17 -11.20 -12.37
N SER B 89 21.05 -10.85 -11.73
CA SER B 89 19.78 -10.39 -12.36
C SER B 89 20.02 -9.16 -13.22
N VAL B 90 20.74 -8.17 -12.71
CA VAL B 90 20.96 -6.92 -13.48
C VAL B 90 21.91 -7.24 -14.64
N LYS B 91 23.04 -7.91 -14.37
CA LYS B 91 24.01 -8.29 -15.42
C LYS B 91 23.25 -9.05 -16.51
N GLU B 92 22.51 -10.09 -16.12
CA GLU B 92 21.81 -10.94 -17.11
C GLU B 92 20.91 -10.06 -17.99
N LEU B 93 20.08 -9.22 -17.35
CA LEU B 93 19.05 -8.42 -18.06
C LEU B 93 19.76 -7.45 -19.01
N SER B 94 20.95 -6.96 -18.62
CA SER B 94 21.73 -6.01 -19.46
C SER B 94 22.14 -6.71 -20.76
N LYS B 95 22.29 -8.04 -20.74
CA LYS B 95 22.61 -8.84 -21.94
C LYS B 95 21.40 -8.90 -22.89
N HIS B 96 20.22 -8.37 -22.51
CA HIS B 96 18.90 -8.70 -23.13
C HIS B 96 18.00 -7.48 -23.36
N ASP B 97 18.48 -6.36 -23.89
CA ASP B 97 17.57 -5.33 -24.49
C ASP B 97 16.76 -4.61 -23.40
N ALA B 98 17.34 -4.40 -22.22
CA ALA B 98 16.67 -3.69 -21.11
C ALA B 98 17.21 -2.26 -20.99
N GLU B 99 16.33 -1.30 -20.70
CA GLU B 99 16.69 0.02 -20.13
C GLU B 99 16.72 -0.12 -18.58
N LEU B 100 17.92 -0.13 -17.96
CA LEU B 100 18.11 -0.48 -16.52
C LEU B 100 18.41 0.73 -15.62
N LEU B 101 17.76 0.77 -14.44
CA LEU B 101 18.03 1.74 -13.36
C LEU B 101 18.06 0.97 -12.04
N VAL B 102 19.05 1.24 -11.18
CA VAL B 102 19.14 0.73 -9.78
C VAL B 102 18.95 1.95 -8.86
N VAL B 103 17.95 1.87 -8.00
CA VAL B 103 17.74 2.92 -6.97
C VAL B 103 18.05 2.26 -5.62
N GLY B 104 18.94 2.89 -4.87
CA GLY B 104 19.20 2.56 -3.45
C GLY B 104 20.27 3.46 -2.88
N ASN B 105 20.55 3.25 -1.60
CA ASN B 105 21.43 4.12 -0.81
C ASN B 105 22.87 3.73 -1.11
N THR B 106 23.46 4.44 -2.08
CA THR B 106 24.84 4.19 -2.54
C THR B 106 25.80 4.68 -1.45
N ASN B 107 25.35 5.59 -0.59
CA ASN B 107 26.23 6.15 0.46
C ASN B 107 26.36 5.16 1.61
N SER B 108 26.43 3.86 1.32
CA SER B 108 26.36 2.78 2.31
C SER B 108 27.31 1.69 1.87
N ASP B 109 28.02 1.09 2.83
CA ASP B 109 28.91 -0.08 2.64
C ASP B 109 28.07 -1.26 2.14
N MET B 110 26.74 -1.19 2.18
CA MET B 110 25.88 -2.36 1.81
C MET B 110 25.28 -2.20 0.40
N PHE B 111 25.47 -1.04 -0.24
CA PHE B 111 25.25 -0.90 -1.70
C PHE B 111 26.31 -1.72 -2.43
N PRO B 112 25.90 -2.69 -3.27
CA PRO B 112 26.86 -3.52 -3.97
C PRO B 112 27.53 -2.68 -5.07
N LYS B 113 28.86 -2.63 -5.03
CA LYS B 113 29.67 -1.75 -5.90
C LYS B 113 29.42 -2.10 -7.37
N GLU B 114 29.14 -3.35 -7.69
CA GLU B 114 28.95 -3.81 -9.10
C GLU B 114 27.75 -3.08 -9.72
N LEU B 115 26.87 -2.48 -8.92
CA LEU B 115 25.61 -1.90 -9.50
C LEU B 115 25.71 -0.38 -9.57
N LEU B 116 26.87 0.20 -9.24
CA LEU B 116 27.06 1.68 -9.29
C LEU B 116 27.03 2.16 -10.74
N ALA B 117 27.26 1.26 -11.69
CA ALA B 117 27.22 1.52 -13.15
C ALA B 117 25.76 1.79 -13.60
N TYR B 118 24.75 1.46 -12.77
CA TYR B 118 23.33 1.47 -13.18
C TYR B 118 22.47 2.45 -12.37
N THR B 119 23.06 3.37 -11.59
CA THR B 119 22.29 4.36 -10.78
C THR B 119 21.76 5.52 -11.64
N LYS B 120 22.22 5.65 -12.88
CA LYS B 120 21.61 6.52 -13.92
C LYS B 120 21.13 5.59 -15.03
N ARG B 121 19.91 5.82 -15.53
CA ARG B 121 19.20 4.86 -16.44
C ARG B 121 20.02 4.62 -17.72
N THR B 122 20.20 3.36 -18.08
CA THR B 122 21.12 2.92 -19.15
C THR B 122 20.34 2.04 -20.13
N LYS B 123 20.21 2.48 -21.38
CA LYS B 123 19.67 1.64 -22.48
C LYS B 123 20.66 0.49 -22.74
N PHE B 124 20.21 -0.76 -22.75
CA PHE B 124 20.94 -1.91 -23.35
C PHE B 124 20.10 -2.46 -24.53
N GLY B 125 20.78 -2.81 -25.62
CA GLY B 125 20.18 -3.38 -26.84
C GLY B 125 19.14 -2.43 -27.43
N LYS B 126 18.00 -2.98 -27.86
CA LYS B 126 16.90 -2.21 -28.51
C LYS B 126 16.04 -1.51 -27.44
N GLY B 127 16.34 -1.73 -26.15
CA GLY B 127 15.75 -0.97 -25.02
C GLY B 127 14.25 -1.17 -24.93
N LYS B 128 13.83 -2.43 -25.10
CA LYS B 128 12.41 -2.86 -25.26
C LYS B 128 11.57 -2.38 -24.07
N VAL B 129 12.10 -2.45 -22.85
CA VAL B 129 11.34 -2.19 -21.59
C VAL B 129 12.26 -1.60 -20.53
N ARG B 130 11.72 -0.67 -19.73
CA ARG B 130 12.38 -0.04 -18.56
C ARG B 130 12.28 -0.98 -17.37
N ILE B 131 13.41 -1.45 -16.85
CA ILE B 131 13.53 -2.32 -15.65
C ILE B 131 14.24 -1.52 -14.57
N ASN B 132 13.61 -1.44 -13.40
CA ASN B 132 14.15 -0.72 -12.22
C ASN B 132 14.35 -1.79 -11.15
N PHE B 133 15.41 -1.66 -10.34
CA PHE B 133 15.71 -2.48 -9.14
C PHE B 133 15.92 -1.56 -7.96
N LEU B 134 15.21 -1.84 -6.86
CA LEU B 134 15.45 -1.26 -5.52
C LEU B 134 16.47 -2.14 -4.81
N VAL B 135 17.61 -1.54 -4.48
CA VAL B 135 18.83 -2.24 -3.99
C VAL B 135 19.43 -1.39 -2.87
N ASN B 136 19.43 -1.94 -1.67
CA ASN B 136 19.77 -1.23 -0.40
C ASN B 136 18.82 -0.04 -0.31
N TYR B 137 17.54 -0.32 -0.58
CA TYR B 137 16.48 0.70 -0.65
C TYR B 137 15.81 0.87 0.71
N GLY B 138 15.32 2.07 1.00
CA GLY B 138 14.55 2.36 2.23
C GLY B 138 13.55 3.48 2.00
N TRP B 139 12.28 3.22 2.33
CA TRP B 139 11.19 4.23 2.13
C TRP B 139 11.56 5.53 2.82
N TYR B 140 12.13 5.46 4.02
CA TYR B 140 12.43 6.68 4.82
C TYR B 140 13.60 7.43 4.18
N TRP B 141 14.66 6.71 3.83
CA TRP B 141 15.76 7.25 2.99
C TRP B 141 15.18 7.79 1.68
N ASP B 142 14.22 7.13 1.05
CA ASP B 142 13.62 7.57 -0.26
C ASP B 142 12.99 8.94 -0.11
N LEU B 143 12.05 9.10 0.83
CA LEU B 143 11.27 10.35 1.08
C LEU B 143 12.15 11.49 1.62
N THR B 144 12.98 11.22 2.63
CA THR B 144 13.77 12.29 3.30
C THR B 144 14.86 12.78 2.34
N TYR B 145 15.15 12.02 1.28
CA TYR B 145 16.24 12.34 0.31
C TYR B 145 16.09 13.79 -0.19
N ALA B 146 14.84 14.26 -0.25
CA ALA B 146 14.37 15.52 -0.86
C ALA B 146 14.79 16.76 -0.05
N PHE B 147 14.83 16.68 1.28
CA PHE B 147 15.30 17.80 2.13
C PHE B 147 16.76 18.15 1.85
N GLU B 148 17.53 17.19 1.32
CA GLU B 148 19.03 17.20 1.30
C GLU B 148 19.57 17.64 -0.07
N ASN B 149 18.69 17.75 -1.09
CA ASN B 149 19.03 18.11 -2.49
C ASN B 149 17.76 18.49 -3.25
N ILE B 157 9.63 16.54 -3.47
CA ILE B 157 8.83 15.32 -3.80
C ILE B 157 9.03 14.91 -5.26
N GLU B 158 9.26 15.85 -6.16
CA GLU B 158 9.85 15.56 -7.50
C GLU B 158 11.31 15.11 -7.31
N ASN B 159 11.80 15.16 -6.07
CA ASN B 159 13.24 15.11 -5.68
C ASN B 159 13.53 13.95 -4.71
N ILE B 160 12.54 13.12 -4.41
CA ILE B 160 12.75 11.88 -3.59
C ILE B 160 13.78 11.04 -4.35
N ALA B 161 14.40 10.07 -3.68
CA ALA B 161 15.46 9.22 -4.26
C ALA B 161 14.92 8.54 -5.53
N SER B 162 13.67 8.08 -5.47
CA SER B 162 13.02 7.16 -6.44
C SER B 162 12.25 7.97 -7.50
N ALA B 163 12.59 9.25 -7.68
CA ALA B 163 11.89 10.21 -8.56
C ALA B 163 11.87 9.73 -10.02
N GLU B 164 12.89 9.04 -10.50
CA GLU B 164 12.96 8.51 -11.88
C GLU B 164 12.06 7.30 -12.05
N ILE B 165 11.57 6.69 -10.96
CA ILE B 165 10.59 5.57 -11.03
C ILE B 165 9.19 6.19 -10.98
N PRO B 166 8.38 6.05 -12.05
CA PRO B 166 7.06 6.69 -12.06
C PRO B 166 6.01 5.81 -11.35
N ARG B 167 4.83 6.38 -11.21
CA ARG B 167 3.64 5.77 -10.58
C ARG B 167 3.52 4.30 -11.02
N ILE B 168 3.24 3.41 -10.08
CA ILE B 168 3.04 1.95 -10.35
C ILE B 168 1.54 1.71 -10.53
N ASP B 169 1.13 0.99 -11.58
CA ASP B 169 -0.29 0.70 -11.91
C ASP B 169 -0.73 -0.52 -11.11
N LEU B 170 0.18 -1.49 -11.01
CA LEU B 170 -0.09 -2.85 -10.47
C LEU B 170 1.18 -3.32 -9.78
N LEU B 171 1.05 -3.71 -8.51
CA LEU B 171 2.07 -4.37 -7.68
C LEU B 171 1.63 -5.82 -7.46
N ILE B 172 2.48 -6.77 -7.79
CA ILE B 172 2.25 -8.24 -7.66
C ILE B 172 3.29 -8.77 -6.66
N ARG B 173 2.85 -9.45 -5.61
CA ARG B 173 3.71 -9.94 -4.50
C ARG B 173 3.59 -11.45 -4.47
N TRP B 174 4.71 -12.15 -4.51
CA TRP B 174 4.83 -13.62 -4.28
C TRP B 174 5.09 -13.90 -2.80
N GLY B 175 4.80 -15.13 -2.39
CA GLY B 175 4.95 -15.59 -0.99
C GLY B 175 3.81 -15.23 -0.06
N GLY B 176 2.60 -14.88 -0.53
CA GLY B 176 1.37 -14.95 0.28
C GLY B 176 1.17 -13.82 1.30
N ARG B 177 2.18 -13.03 1.62
CA ARG B 177 2.00 -11.95 2.61
C ARG B 177 1.34 -10.77 1.90
N ARG B 178 0.47 -10.04 2.61
CA ARG B 178 -0.35 -8.94 2.05
C ARG B 178 0.12 -7.64 2.69
N ARG B 179 1.40 -7.31 2.56
CA ARG B 179 1.96 -6.01 3.00
C ARG B 179 2.65 -5.39 1.79
N LEU B 180 3.05 -4.13 1.90
CA LEU B 180 3.78 -3.38 0.83
C LEU B 180 5.28 -3.33 1.14
N SER B 181 5.64 -3.52 2.41
CA SER B 181 7.04 -3.62 2.86
C SER B 181 7.82 -2.36 2.47
N GLY B 182 7.17 -1.21 2.49
CA GLY B 182 7.78 0.11 2.27
C GLY B 182 8.28 0.28 0.85
N MET B 183 7.81 -0.54 -0.09
CA MET B 183 8.13 -0.35 -1.53
C MET B 183 7.48 0.95 -2.04
N LEU B 184 8.30 1.99 -2.23
CA LEU B 184 7.94 3.18 -3.04
C LEU B 184 6.58 3.72 -2.62
N PRO B 185 6.50 4.26 -1.38
CA PRO B 185 5.25 4.77 -0.82
C PRO B 185 4.54 5.73 -1.78
N VAL B 186 5.29 6.62 -2.42
CA VAL B 186 4.73 7.69 -3.28
C VAL B 186 4.10 7.06 -4.52
N GLN B 187 4.79 6.10 -5.14
CA GLN B 187 4.43 5.55 -6.46
C GLN B 187 3.32 4.51 -6.33
N THR B 188 3.02 4.03 -5.11
CA THR B 188 2.01 2.95 -4.85
C THR B 188 0.73 3.48 -4.20
N VAL B 189 0.58 4.79 -4.08
CA VAL B 189 -0.62 5.46 -3.48
C VAL B 189 -1.91 4.87 -4.10
N TYR B 190 -2.00 4.71 -5.40
CA TYR B 190 -3.26 4.24 -6.04
C TYR B 190 -3.10 2.88 -6.75
N SER B 191 -2.03 2.14 -6.49
CA SER B 191 -1.73 0.89 -7.22
C SER B 191 -2.63 -0.28 -6.81
N ASP B 192 -3.05 -1.07 -7.80
CA ASP B 192 -3.82 -2.30 -7.53
C ASP B 192 -2.83 -3.37 -7.09
N ILE B 193 -3.16 -4.09 -6.02
CA ILE B 193 -2.21 -5.09 -5.44
C ILE B 193 -2.76 -6.50 -5.62
N TYR B 194 -1.96 -7.36 -6.24
CA TYR B 194 -2.35 -8.77 -6.38
C TYR B 194 -1.33 -9.62 -5.61
N VAL B 195 -1.84 -10.52 -4.78
CA VAL B 195 -0.93 -11.38 -3.98
C VAL B 195 -0.95 -12.83 -4.49
N VAL B 196 0.19 -13.30 -4.99
CA VAL B 196 0.39 -14.74 -5.36
C VAL B 196 0.79 -15.47 -4.08
N ASP B 197 0.16 -16.61 -3.80
CA ASP B 197 0.44 -17.35 -2.54
C ASP B 197 1.75 -18.11 -2.70
N GLU B 198 2.03 -18.59 -3.90
CA GLU B 198 3.24 -19.39 -4.20
C GLU B 198 4.51 -18.60 -3.89
N MET B 199 5.60 -19.31 -3.64
CA MET B 199 6.92 -18.68 -3.41
C MET B 199 7.50 -18.26 -4.76
N TRP B 200 8.27 -17.17 -4.76
CA TRP B 200 8.84 -16.58 -5.99
C TRP B 200 9.57 -17.61 -6.86
N PRO B 201 10.42 -18.53 -6.32
CA PRO B 201 11.08 -19.52 -7.18
C PRO B 201 10.11 -20.42 -7.96
N ASP B 202 8.92 -20.61 -7.42
CA ASP B 202 7.82 -21.33 -8.10
C ASP B 202 7.08 -20.42 -9.10
N PHE B 203 7.64 -19.28 -9.52
CA PHE B 203 7.00 -18.38 -10.52
C PHE B 203 6.43 -19.22 -11.68
N LYS B 204 5.26 -18.80 -12.18
CA LYS B 204 4.54 -19.44 -13.31
C LYS B 204 3.92 -18.34 -14.13
N PRO B 205 4.04 -18.36 -15.47
CA PRO B 205 3.32 -17.43 -16.33
C PRO B 205 1.91 -17.13 -15.80
N GLU B 206 1.13 -18.15 -15.42
CA GLU B 206 -0.29 -17.91 -15.09
C GLU B 206 -0.38 -16.98 -13.88
N HIS B 207 0.65 -16.92 -13.02
CA HIS B 207 0.64 -15.99 -11.87
C HIS B 207 0.53 -14.57 -12.43
N LEU B 208 1.38 -14.27 -13.39
CA LEU B 208 1.38 -12.94 -13.99
C LEU B 208 0.01 -12.72 -14.66
N PHE B 209 -0.44 -13.67 -15.47
CA PHE B 209 -1.72 -13.52 -16.23
C PHE B 209 -2.86 -13.32 -15.24
N ASN B 210 -2.85 -14.03 -14.10
CA ASN B 210 -3.97 -13.91 -13.12
C ASN B 210 -3.98 -12.51 -12.53
N ALA B 211 -2.82 -11.92 -12.25
CA ALA B 211 -2.69 -10.51 -11.81
C ALA B 211 -3.22 -9.56 -12.90
N LEU B 212 -3.02 -9.91 -14.17
CA LEU B 212 -3.38 -9.08 -15.36
C LEU B 212 -4.89 -9.18 -15.61
N GLU B 213 -5.43 -10.40 -15.59
CA GLU B 213 -6.90 -10.60 -15.57
C GLU B 213 -7.49 -9.70 -14.48
N PHE B 214 -6.91 -9.70 -13.29
CA PHE B 214 -7.48 -8.96 -12.12
C PHE B 214 -7.41 -7.45 -12.40
N TYR B 215 -6.28 -7.00 -12.95
CA TYR B 215 -5.99 -5.56 -13.17
C TYR B 215 -7.01 -4.96 -14.17
N GLN B 216 -7.24 -5.70 -15.26
CA GLN B 216 -8.02 -5.23 -16.44
C GLN B 216 -9.50 -5.08 -16.02
N ASP B 217 -9.95 -5.84 -15.00
CA ASP B 217 -11.33 -5.77 -14.45
C ASP B 217 -11.52 -4.48 -13.62
N GLN B 218 -10.51 -4.08 -12.85
CA GLN B 218 -10.59 -2.79 -12.12
C GLN B 218 -10.81 -1.68 -13.16
S SO4 C . -9.97 4.56 -5.48
O1 SO4 C . -10.54 4.82 -6.77
O2 SO4 C . -10.26 5.68 -4.60
O3 SO4 C . -8.55 4.41 -5.59
O4 SO4 C . -10.54 3.35 -4.95
S SO4 D . -18.21 2.96 -4.81
O1 SO4 D . -19.37 2.11 -4.83
O2 SO4 D . -18.45 4.14 -3.99
O3 SO4 D . -17.11 2.21 -4.28
O4 SO4 D . -17.90 3.38 -6.13
P1 POP E . 10.83 -15.75 2.56
O1 POP E . 9.70 -14.90 2.04
O2 POP E . 11.00 -15.52 4.04
O3 POP E . 10.65 -17.22 2.16
O POP E . 12.26 -15.25 1.88
P2 POP E . 12.48 -13.96 0.86
O4 POP E . 11.19 -13.16 0.85
O5 POP E . 12.77 -14.54 -0.52
O6 POP E . 13.62 -13.10 1.41
#